data_5AEN
#
_entry.id   5AEN
#
_cell.length_a   76.996
_cell.length_b   86.953
_cell.length_c   98.223
_cell.angle_alpha   90.00
_cell.angle_beta   90.00
_cell.angle_gamma   90.00
#
_symmetry.space_group_name_H-M   'P 21 21 21'
#
loop_
_entity.id
_entity.type
_entity.pdbx_description
1 polymer 'LEUKOTRIENE A-4 HYDROLASE'
2 non-polymer N,N-dimethyl-2-(4-phenoxyphenoxy)ethanamine
3 non-polymer 'ZINC ION'
4 non-polymer 'YTTERBIUM (III) ION'
5 non-polymer IMIDAZOLE
6 water water
#
_entity_poly.entity_id   1
_entity_poly.type   'polypeptide(L)'
_entity_poly.pdbx_seq_one_letter_code
;IVDTCSLASPASVCRTKHLHLRCSVDFTRRTLTGTAALTVQSQEDNLRSLVLDTKDLTIEKVVINGQEVKYALGERQSYK
GSPMEISLPIALSKNQEIVIEISFETSPKSSALQWLTPEQTSGKEHPYLFSQCQAIHCRAILPCQDTPSVKLTYTAEVSV
PKELVALMSAIRDGETPDPEDPSRKIYKFIQKVPIPCYLIALVVGALESRQIGPRTLVWSEKEQVEKSAYEFSETESMLK
IAEDLGGPYVWGQYDLLVLPPSFPYGGMENPCLTFVTPTLLAGDKSLSNVIAHEISHSWTGNLVTNKTWDHFWLNEGHTV
YLERHICGRLFGEKFRHFNALGGWGELQNSVKTFGETHPFTKLVVDLTDIDPDVAYSSVPYEKGFALLFYLEQLLGGPEI
FLGFLKAYVEKFSYKSITTDDWKDFLYSYFKDKVDVLNQVDWNAWLYSPGLPPIKPNYDMTLTNACIALSQRWITAKEDD
LNSFNATDLKDLSSHQLNEFLAQTLQRAPLPLGHIKRMQEVYNFNAINNSEIRFRWLRLCIQSKWEDAIPLALKMATEQG
RMKFTRPLFKDLAAFDKSHDQAVRTYQEHKASMHPVTAMLVGKDLKVD
;
_entity_poly.pdbx_strand_id   A
#
loop_
_chem_comp.id
_chem_comp.type
_chem_comp.name
_chem_comp.formula
DP8 non-polymer N,N-dimethyl-2-(4-phenoxyphenoxy)ethanamine 'C16 H19 N O2'
IMD non-polymer IMIDAZOLE 'C3 H5 N2 1'
YB non-polymer 'YTTERBIUM (III) ION' 'Yb 3'
ZN non-polymer 'ZINC ION' 'Zn 2'
#
# COMPACT_ATOMS: atom_id res chain seq x y z
N ILE A 1 2.68 -4.26 24.67
CA ILE A 1 2.99 -5.24 23.62
C ILE A 1 4.19 -4.76 22.81
N VAL A 2 4.96 -5.72 22.28
CA VAL A 2 6.24 -5.39 21.65
C VAL A 2 6.17 -5.32 20.15
N ASP A 3 6.77 -4.26 19.62
CA ASP A 3 6.90 -4.12 18.17
C ASP A 3 8.23 -4.74 17.75
N THR A 4 8.14 -5.96 17.26
CA THR A 4 9.32 -6.73 16.90
C THR A 4 10.00 -6.24 15.63
N CYS A 5 9.41 -5.24 14.96
CA CYS A 5 10.03 -4.66 13.77
C CYS A 5 10.84 -3.38 14.03
N SER A 6 10.86 -2.92 15.28
CA SER A 6 11.49 -1.65 15.65
C SER A 6 12.56 -1.86 16.71
N LEU A 7 13.70 -1.21 16.53
CA LEU A 7 14.80 -1.24 17.50
C LEU A 7 14.78 -0.03 18.44
N ALA A 8 13.85 0.89 18.19
CA ALA A 8 13.82 2.13 18.96
C ALA A 8 13.19 1.93 20.34
N SER A 9 13.39 2.90 21.23
CA SER A 9 12.69 2.93 22.51
C SER A 9 11.18 2.88 22.25
N PRO A 10 10.45 2.02 22.97
CA PRO A 10 9.01 1.93 22.75
C PRO A 10 8.20 3.07 23.37
N ALA A 11 6.90 3.09 23.07
CA ALA A 11 6.02 4.16 23.52
C ALA A 11 5.91 4.23 25.04
N SER A 12 6.22 3.13 25.73
CA SER A 12 6.20 3.10 27.20
C SER A 12 7.41 3.85 27.76
N VAL A 13 8.42 4.04 26.93
CA VAL A 13 9.64 4.73 27.36
C VAL A 13 9.59 6.23 26.99
N CYS A 14 9.31 6.51 25.72
CA CYS A 14 9.19 7.92 25.32
C CYS A 14 8.33 7.94 24.06
N ARG A 15 7.79 9.13 23.76
CA ARG A 15 6.91 9.30 22.59
C ARG A 15 7.25 10.57 21.83
N THR A 16 7.53 10.42 20.55
CA THR A 16 7.75 11.56 19.69
C THR A 16 6.43 12.24 19.50
N LYS A 17 6.38 13.55 19.74
CA LYS A 17 5.13 14.29 19.56
C LYS A 17 5.13 15.06 18.25
N HIS A 18 6.32 15.41 17.75
CA HIS A 18 6.45 16.31 16.61
C HIS A 18 7.79 16.12 15.92
N LEU A 19 7.75 16.24 14.60
CA LEU A 19 8.94 16.28 13.77
C LEU A 19 8.95 17.62 13.01
N HIS A 20 10.06 18.35 13.09
CA HIS A 20 10.34 19.43 12.15
C HIS A 20 11.51 19.01 11.26
N LEU A 21 11.21 18.80 9.98
CA LEU A 21 12.17 18.31 9.01
C LEU A 21 12.60 19.46 8.10
N ARG A 22 13.89 19.76 8.10
CA ARG A 22 14.46 20.69 7.13
C ARG A 22 15.51 19.96 6.32
N CYS A 23 15.26 19.82 5.02
CA CYS A 23 16.17 19.03 4.21
C CYS A 23 16.30 19.57 2.80
N SER A 24 17.31 19.07 2.11
CA SER A 24 17.60 19.48 0.76
C SER A 24 17.78 18.23 -0.07
N VAL A 25 17.24 18.26 -1.28
CA VAL A 25 17.28 17.09 -2.15
C VAL A 25 18.33 17.27 -3.22
N ASP A 26 19.33 16.40 -3.22
CA ASP A 26 20.45 16.50 -4.16
C ASP A 26 20.36 15.35 -5.15
N PHE A 27 19.90 15.65 -6.37
CA PHE A 27 19.80 14.65 -7.42
C PHE A 27 21.13 14.18 -7.98
N THR A 28 22.17 14.98 -7.82
CA THR A 28 23.50 14.59 -8.30
C THR A 28 24.06 13.48 -7.41
N ARG A 29 23.85 13.60 -6.10
CA ARG A 29 24.38 12.62 -5.16
C ARG A 29 23.34 11.60 -4.74
N ARG A 30 22.09 11.83 -5.13
CA ARG A 30 20.97 10.99 -4.69
C ARG A 30 20.87 10.89 -3.16
N THR A 31 20.92 12.06 -2.52
CA THR A 31 20.84 12.15 -1.07
C THR A 31 19.81 13.18 -0.64
N LEU A 32 19.21 12.93 0.51
CA LEU A 32 18.47 13.93 1.22
C LEU A 32 19.33 14.27 2.40
N THR A 33 19.57 15.55 2.60
CA THR A 33 20.43 16.02 3.69
C THR A 33 19.69 17.06 4.48
N GLY A 34 19.82 17.02 5.80
CA GLY A 34 19.30 18.10 6.61
C GLY A 34 19.21 17.75 8.08
N THR A 35 18.18 18.30 8.72
CA THR A 35 17.97 18.09 10.15
C THR A 35 16.56 17.58 10.44
N ALA A 36 16.48 16.67 11.40
CA ALA A 36 15.22 16.16 11.90
C ALA A 36 15.15 16.56 13.35
N ALA A 37 14.21 17.44 13.68
CA ALA A 37 14.04 17.87 15.06
C ALA A 37 12.82 17.19 15.65
N LEU A 38 13.11 16.28 16.57
CA LEU A 38 12.11 15.47 17.23
C LEU A 38 11.81 16.07 18.59
N THR A 39 10.57 16.45 18.80
CA THR A 39 10.07 16.83 20.11
C THR A 39 9.65 15.52 20.77
N VAL A 40 10.37 15.13 21.83
CA VAL A 40 10.16 13.85 22.45
C VAL A 40 9.66 14.05 23.88
N GLN A 41 8.64 13.31 24.25
CA GLN A 41 8.07 13.38 25.60
C GLN A 41 8.47 12.12 26.37
N SER A 42 9.06 12.27 27.53
CA SER A 42 9.44 11.10 28.31
C SER A 42 8.21 10.43 28.89
N GLN A 43 8.16 9.10 28.87
CA GLN A 43 7.12 8.38 29.59
C GLN A 43 7.68 7.71 30.85
N GLU A 44 8.95 8.01 31.17
CA GLU A 44 9.58 7.43 32.36
C GLU A 44 10.18 8.49 33.27
N ASP A 45 10.32 8.15 34.54
CA ASP A 45 11.10 9.00 35.44
C ASP A 45 12.58 8.78 35.18
N ASN A 46 13.37 9.84 35.35
CA ASN A 46 14.82 9.77 35.31
C ASN A 46 15.32 9.20 33.98
N LEU A 47 14.70 9.61 32.89
CA LEU A 47 15.09 9.11 31.57
C LEU A 47 16.38 9.79 31.12
N ARG A 48 17.40 8.99 30.81
CA ARG A 48 18.71 9.51 30.48
C ARG A 48 19.25 9.11 29.12
N SER A 49 18.52 8.24 28.44
CA SER A 49 18.92 7.88 27.08
C SER A 49 17.73 7.30 26.36
N LEU A 50 17.83 7.29 25.05
CA LEU A 50 16.79 6.70 24.25
C LEU A 50 17.38 6.22 22.93
N VAL A 51 16.62 5.39 22.23
CA VAL A 51 17.12 4.77 21.01
C VAL A 51 16.13 5.05 19.89
N LEU A 52 16.66 5.37 18.72
CA LEU A 52 15.87 5.58 17.52
C LEU A 52 16.20 4.53 16.47
N ASP A 53 15.26 4.25 15.56
CA ASP A 53 15.58 3.45 14.38
C ASP A 53 16.30 4.28 13.32
N THR A 54 17.22 3.63 12.59
CA THR A 54 17.83 4.23 11.41
C THR A 54 18.17 3.12 10.46
N LYS A 55 18.34 3.46 9.19
CA LYS A 55 18.80 2.49 8.22
C LYS A 55 19.60 3.18 7.13
N ASP A 56 20.89 2.85 7.08
CA ASP A 56 21.79 3.43 6.09
C ASP A 56 21.78 4.95 6.16
N LEU A 57 21.67 5.52 7.36
CA LEU A 57 21.79 6.96 7.51
C LEU A 57 23.20 7.33 7.97
N THR A 58 23.69 8.44 7.46
CA THR A 58 24.94 9.03 7.94
C THR A 58 24.56 10.12 8.92
N ILE A 59 24.95 9.96 10.17
CA ILE A 59 24.72 10.96 11.18
C ILE A 59 25.93 11.86 11.32
N GLU A 60 25.70 13.17 11.25
CA GLU A 60 26.77 14.15 11.44
C GLU A 60 26.83 14.59 12.91
N LYS A 61 25.67 14.90 13.49
CA LYS A 61 25.62 15.29 14.90
C LYS A 61 24.20 15.25 15.46
N VAL A 62 24.13 15.31 16.79
CA VAL A 62 22.88 15.36 17.50
C VAL A 62 22.96 16.53 18.48
N VAL A 63 21.99 17.43 18.40
CA VAL A 63 21.99 18.64 19.23
C VAL A 63 20.77 18.71 20.14
N ILE A 64 21.05 18.97 21.41
CA ILE A 64 20.03 19.21 22.42
C ILE A 64 20.48 20.44 23.23
N ASN A 65 19.58 21.38 23.44
CA ASN A 65 19.88 22.60 24.24
C ASN A 65 21.09 23.35 23.66
N GLY A 66 21.18 23.45 22.35
CA GLY A 66 22.25 24.22 21.73
C GLY A 66 23.65 23.59 21.68
N GLN A 67 23.80 22.34 22.12
CA GLN A 67 25.10 21.69 22.12
C GLN A 67 25.03 20.24 21.64
N GLU A 68 26.13 19.76 21.05
CA GLU A 68 26.23 18.38 20.63
C GLU A 68 26.16 17.48 21.86
N VAL A 69 25.55 16.31 21.67
CA VAL A 69 25.52 15.27 22.69
C VAL A 69 26.12 13.99 22.15
N LYS A 70 26.43 13.07 23.05
CA LYS A 70 26.96 11.77 22.66
C LYS A 70 25.84 10.88 22.07
N TYR A 71 26.18 10.14 21.02
CA TYR A 71 25.30 9.13 20.47
C TYR A 71 26.15 7.99 19.93
N ALA A 72 25.58 6.80 19.77
CA ALA A 72 26.25 5.70 19.10
C ALA A 72 25.29 4.92 18.20
N LEU A 73 25.78 4.51 17.04
CA LEU A 73 25.08 3.55 16.17
C LEU A 73 25.52 2.13 16.49
N GLY A 74 24.54 1.26 16.75
CA GLY A 74 24.80 -0.14 16.98
C GLY A 74 25.04 -0.86 15.67
N GLU A 75 25.39 -2.14 15.74
CA GLU A 75 25.56 -2.93 14.53
C GLU A 75 24.23 -3.04 13.79
N ARG A 76 24.29 -3.09 12.47
CA ARG A 76 23.08 -3.28 11.68
C ARG A 76 22.45 -4.67 11.92
N GLN A 77 21.12 -4.69 12.01
CA GLN A 77 20.35 -5.93 12.17
C GLN A 77 19.50 -6.17 10.91
N SER A 78 20.19 -6.53 9.82
CA SER A 78 19.57 -6.76 8.50
C SER A 78 18.51 -5.69 8.10
N TYR A 79 17.31 -6.14 7.72
CA TYR A 79 16.21 -5.26 7.26
C TYR A 79 15.77 -4.25 8.32
N LYS A 80 16.10 -4.48 9.60
CA LYS A 80 15.72 -3.54 10.66
C LYS A 80 16.59 -2.27 10.75
N GLY A 81 17.76 -2.30 10.13
CA GLY A 81 18.67 -1.15 10.17
C GLY A 81 19.51 -1.15 11.44
N SER A 82 20.00 0.03 11.84
CA SER A 82 20.92 0.15 12.96
C SER A 82 20.32 1.03 14.04
N PRO A 83 20.30 0.55 15.29
CA PRO A 83 19.74 1.32 16.40
C PRO A 83 20.68 2.47 16.78
N MET A 84 20.09 3.63 17.07
CA MET A 84 20.86 4.81 17.38
C MET A 84 20.58 5.25 18.81
N GLU A 85 21.56 5.08 19.69
CA GLU A 85 21.39 5.44 21.08
C GLU A 85 21.88 6.87 21.31
N ILE A 86 21.09 7.66 22.02
CA ILE A 86 21.39 9.06 22.26
C ILE A 86 21.43 9.28 23.77
N SER A 87 22.51 9.90 24.23
CA SER A 87 22.69 10.24 25.65
C SER A 87 22.10 11.61 25.94
N LEU A 88 21.07 11.65 26.76
CA LEU A 88 20.42 12.91 27.07
C LEU A 88 21.30 13.67 28.06
N PRO A 89 21.45 14.98 27.88
CA PRO A 89 22.33 15.77 28.77
C PRO A 89 21.78 16.00 30.16
N ILE A 90 20.46 16.02 30.29
CA ILE A 90 19.80 16.14 31.58
C ILE A 90 18.71 15.07 31.70
N ALA A 91 18.67 14.37 32.83
CA ALA A 91 17.60 13.40 33.05
C ALA A 91 16.22 14.07 32.98
N LEU A 92 15.28 13.38 32.32
CA LEU A 92 13.93 13.89 32.12
C LEU A 92 12.95 13.23 33.06
N SER A 93 12.01 14.00 33.58
CA SER A 93 10.94 13.42 34.37
C SER A 93 9.80 13.00 33.44
N LYS A 94 8.83 12.31 34.01
CA LYS A 94 7.70 11.79 33.25
C LYS A 94 6.91 12.95 32.70
N ASN A 95 6.56 12.87 31.41
CA ASN A 95 5.81 13.92 30.70
C ASN A 95 6.64 15.13 30.30
N GLN A 96 7.91 15.19 30.71
CA GLN A 96 8.78 16.28 30.24
C GLN A 96 9.11 16.11 28.75
N GLU A 97 9.12 17.23 28.03
CA GLU A 97 9.41 17.23 26.60
C GLU A 97 10.71 17.96 26.28
N ILE A 98 11.51 17.38 25.38
CA ILE A 98 12.68 18.07 24.87
C ILE A 98 12.73 17.98 23.34
N VAL A 99 13.55 18.82 22.74
CA VAL A 99 13.76 18.80 21.30
C VAL A 99 15.14 18.26 20.98
N ILE A 100 15.19 17.21 20.17
CA ILE A 100 16.44 16.60 19.78
C ILE A 100 16.63 16.84 18.27
N GLU A 101 17.69 17.54 17.89
CA GLU A 101 17.89 17.88 16.47
C GLU A 101 19.05 17.07 15.90
N ILE A 102 18.72 16.17 14.97
CA ILE A 102 19.70 15.25 14.39
C ILE A 102 20.00 15.68 12.97
N SER A 103 21.29 15.87 12.71
CA SER A 103 21.78 16.22 11.38
C SER A 103 22.18 14.92 10.72
N PHE A 104 21.60 14.66 9.55
CA PHE A 104 21.71 13.36 8.89
C PHE A 104 21.77 13.50 7.35
N GLU A 105 22.11 12.40 6.71
CA GLU A 105 22.09 12.29 5.26
C GLU A 105 21.70 10.86 4.89
N THR A 106 20.82 10.73 3.90
CA THR A 106 20.41 9.40 3.48
C THR A 106 21.44 8.79 2.54
N SER A 107 21.37 7.48 2.39
CA SER A 107 22.14 6.79 1.36
C SER A 107 21.37 6.76 0.03
N PRO A 108 22.09 6.80 -1.10
CA PRO A 108 21.52 6.47 -2.41
C PRO A 108 20.75 5.16 -2.43
N LYS A 109 21.18 4.20 -1.61
CA LYS A 109 20.58 2.88 -1.56
C LYS A 109 19.41 2.83 -0.57
N SER A 110 18.95 3.99 -0.07
CA SER A 110 17.79 4.04 0.85
C SER A 110 16.66 3.18 0.33
N SER A 111 16.21 2.21 1.12
CA SER A 111 15.10 1.36 0.71
C SER A 111 13.75 2.08 0.69
N ALA A 112 13.69 3.28 1.27
CA ALA A 112 12.47 4.11 1.25
C ALA A 112 12.28 4.86 -0.04
N LEU A 113 13.34 4.97 -0.83
CA LEU A 113 13.37 5.94 -1.92
C LEU A 113 13.66 5.31 -3.26
N GLN A 114 13.05 5.85 -4.33
CA GLN A 114 13.58 5.59 -5.66
C GLN A 114 13.93 6.91 -6.32
N TRP A 115 15.14 6.95 -6.86
CA TRP A 115 15.66 8.07 -7.61
C TRP A 115 15.60 7.71 -9.08
N LEU A 116 14.81 8.44 -9.85
CA LEU A 116 14.66 8.21 -11.29
C LEU A 116 15.50 9.20 -12.08
N THR A 117 16.16 8.70 -13.12
CA THR A 117 16.87 9.54 -14.07
C THR A 117 15.81 10.12 -15.01
N PRO A 118 16.15 11.17 -15.77
CA PRO A 118 15.16 11.79 -16.65
C PRO A 118 14.56 10.77 -17.60
N GLU A 119 15.40 9.85 -18.03
CA GLU A 119 14.99 8.81 -18.94
C GLU A 119 13.86 7.91 -18.41
N GLN A 120 13.80 7.77 -17.10
CA GLN A 120 12.81 6.92 -16.48
C GLN A 120 11.47 7.64 -16.24
N THR A 121 11.41 8.93 -16.57
CA THR A 121 10.18 9.70 -16.38
C THR A 121 9.37 9.86 -17.68
N SER A 122 8.18 10.44 -17.58
CA SER A 122 7.38 10.71 -18.78
C SER A 122 7.96 11.83 -19.63
N GLY A 123 8.46 12.86 -18.96
CA GLY A 123 8.90 14.07 -19.63
C GLY A 123 10.28 14.02 -20.28
N LYS A 124 11.17 13.20 -19.74
CA LYS A 124 12.52 12.97 -20.28
C LYS A 124 13.55 14.07 -20.00
N GLU A 125 13.12 15.15 -19.36
CA GLU A 125 13.99 16.29 -19.13
C GLU A 125 14.50 16.38 -17.68
N HIS A 126 13.67 15.95 -16.72
CA HIS A 126 13.98 16.12 -15.30
C HIS A 126 13.99 14.79 -14.56
N PRO A 127 14.77 14.71 -13.47
CA PRO A 127 14.79 13.49 -12.65
C PRO A 127 13.59 13.52 -11.70
N TYR A 128 13.37 12.45 -10.94
CA TYR A 128 12.18 12.34 -10.10
C TYR A 128 12.56 11.50 -8.86
N LEU A 129 12.03 11.87 -7.69
CA LEU A 129 12.24 11.11 -6.46
C LEU A 129 10.88 10.83 -5.86
N PHE A 130 10.66 9.63 -5.36
CA PHE A 130 9.53 9.38 -4.48
C PHE A 130 9.87 8.42 -3.33
N SER A 131 9.17 8.63 -2.22
CA SER A 131 9.28 7.79 -1.06
C SER A 131 8.12 6.79 -0.92
N GLN A 132 8.37 5.74 -0.16
CA GLN A 132 7.35 4.78 0.22
C GLN A 132 7.82 4.18 1.56
N CYS A 133 7.24 4.68 2.66
CA CYS A 133 7.72 4.32 4.00
C CYS A 133 7.08 3.09 4.60
N GLN A 134 5.84 2.79 4.23
CA GLN A 134 5.18 1.64 4.84
C GLN A 134 5.84 0.36 4.33
N ALA A 135 6.16 -0.60 5.23
CA ALA A 135 5.90 -0.54 6.69
C ALA A 135 7.01 0.15 7.49
N ILE A 136 8.26 -0.26 7.29
CA ILE A 136 9.36 0.18 8.15
C ILE A 136 10.56 0.80 7.41
N HIS A 137 10.25 1.66 6.42
CA HIS A 137 11.29 2.35 5.67
C HIS A 137 11.46 3.81 6.04
N CYS A 138 10.62 4.35 6.92
CA CYS A 138 10.81 5.75 7.32
C CYS A 138 12.20 5.92 7.93
N ARG A 139 12.65 4.89 8.65
CA ARG A 139 13.97 4.91 9.28
C ARG A 139 15.12 5.01 8.24
N ALA A 140 14.82 4.74 6.96
CA ALA A 140 15.82 4.88 5.90
C ALA A 140 15.77 6.26 5.26
N ILE A 141 14.91 7.14 5.81
CA ILE A 141 14.90 8.55 5.45
C ILE A 141 15.38 9.44 6.59
N LEU A 142 14.92 9.15 7.81
CA LEU A 142 15.31 9.96 8.94
C LEU A 142 15.24 9.15 10.24
N PRO A 143 16.02 9.57 11.26
CA PRO A 143 15.95 8.85 12.55
C PRO A 143 14.59 9.08 13.23
N CYS A 144 13.99 7.99 13.69
CA CYS A 144 12.66 8.06 14.31
C CYS A 144 12.36 6.81 15.12
N GLN A 145 11.32 6.86 15.95
CA GLN A 145 10.76 5.65 16.50
C GLN A 145 9.89 5.10 15.38
N ASP A 146 10.43 4.13 14.63
CA ASP A 146 9.77 3.65 13.42
C ASP A 146 8.79 2.52 13.71
N THR A 147 7.70 2.93 14.37
CA THR A 147 6.71 2.03 14.88
C THR A 147 5.37 2.76 14.84
N PRO A 148 4.32 2.05 14.40
CA PRO A 148 3.03 2.71 14.28
C PRO A 148 2.33 2.88 15.63
N SER A 149 2.98 2.46 16.73
CA SER A 149 2.43 2.70 18.08
C SER A 149 2.59 4.17 18.54
N VAL A 150 3.33 4.96 17.77
CA VAL A 150 3.66 6.33 18.14
C VAL A 150 3.09 7.25 17.07
N LYS A 151 2.42 8.32 17.48
CA LYS A 151 1.86 9.29 16.54
C LYS A 151 2.34 10.70 16.80
N LEU A 152 2.70 11.38 15.72
CA LEU A 152 3.29 12.71 15.79
C LEU A 152 2.74 13.61 14.69
N THR A 153 2.71 14.90 14.96
CA THR A 153 2.44 15.88 13.93
C THR A 153 3.78 16.19 13.26
N TYR A 154 3.77 16.88 12.13
CA TYR A 154 5.02 17.32 11.52
C TYR A 154 4.88 18.56 10.69
N THR A 155 6.01 19.26 10.61
CA THR A 155 6.21 20.39 9.71
C THR A 155 7.50 20.15 8.94
N ALA A 156 7.57 20.66 7.72
CA ALA A 156 8.73 20.38 6.88
C ALA A 156 8.99 21.54 5.95
N GLU A 157 10.27 21.73 5.67
CA GLU A 157 10.74 22.67 4.66
C GLU A 157 11.74 21.92 3.80
N VAL A 158 11.46 21.84 2.50
CA VAL A 158 12.25 21.04 1.57
C VAL A 158 12.80 21.90 0.45
N SER A 159 14.14 21.89 0.32
CA SER A 159 14.82 22.63 -0.74
C SER A 159 15.07 21.73 -1.96
N VAL A 160 14.64 22.18 -3.13
CA VAL A 160 14.76 21.41 -4.35
C VAL A 160 15.19 22.33 -5.48
N PRO A 161 15.77 21.75 -6.54
CA PRO A 161 16.00 22.58 -7.75
C PRO A 161 14.73 23.32 -8.19
N LYS A 162 14.87 24.58 -8.58
CA LYS A 162 13.71 25.44 -8.76
C LYS A 162 12.79 24.97 -9.90
N GLU A 163 13.32 24.14 -10.79
CA GLU A 163 12.53 23.66 -11.92
C GLU A 163 11.58 22.52 -11.46
N LEU A 164 11.75 22.06 -10.22
CA LEU A 164 10.95 20.92 -9.72
C LEU A 164 10.02 21.33 -8.59
N VAL A 165 9.10 20.44 -8.25
CA VAL A 165 8.09 20.67 -7.23
C VAL A 165 8.19 19.56 -6.18
N ALA A 166 8.11 19.94 -4.91
CA ALA A 166 8.01 18.96 -3.82
C ALA A 166 6.58 18.87 -3.29
N LEU A 167 6.17 17.66 -2.95
CA LEU A 167 4.91 17.44 -2.26
C LEU A 167 5.16 16.48 -1.11
N MET A 168 4.37 16.60 -0.06
CA MET A 168 4.44 15.69 1.07
C MET A 168 3.06 15.31 1.54
N SER A 169 3.04 14.36 2.48
CA SER A 169 1.79 13.92 3.10
C SER A 169 1.32 14.89 4.19
N ALA A 170 0.90 16.05 3.70
CA ALA A 170 0.67 17.21 4.56
C ALA A 170 0.00 18.29 3.75
N ILE A 171 -0.45 19.34 4.42
CA ILE A 171 -1.00 20.50 3.75
C ILE A 171 0.12 21.38 3.24
N ARG A 172 0.03 21.79 1.99
CA ARG A 172 1.03 22.70 1.40
C ARG A 172 0.95 24.05 2.07
N ASP A 173 2.10 24.62 2.42
CA ASP A 173 2.19 25.80 3.29
C ASP A 173 3.09 26.88 2.68
N GLY A 174 3.15 26.89 1.35
CA GLY A 174 3.86 27.92 0.61
C GLY A 174 5.18 27.50 0.00
N GLU A 175 5.57 28.26 -1.01
CA GLU A 175 6.90 28.14 -1.60
C GLU A 175 7.58 29.49 -1.66
N THR A 176 8.91 29.48 -1.66
CA THR A 176 9.73 30.68 -1.84
C THR A 176 11.01 30.28 -2.53
N PRO A 177 11.69 31.22 -3.17
CA PRO A 177 13.05 30.87 -3.61
C PRO A 177 13.92 30.57 -2.39
N ASP A 178 14.93 29.72 -2.56
CA ASP A 178 15.79 29.33 -1.46
C ASP A 178 16.73 30.53 -1.19
N PRO A 179 16.61 31.18 -0.02
CA PRO A 179 17.41 32.40 0.21
C PRO A 179 18.92 32.15 0.15
N GLU A 180 19.31 30.92 0.35
CA GLU A 180 20.71 30.59 0.24
C GLU A 180 21.20 30.10 -1.15
N ASP A 181 20.28 29.79 -2.05
CA ASP A 181 20.68 29.25 -3.34
C ASP A 181 19.59 29.59 -4.36
N PRO A 182 19.80 30.64 -5.15
CA PRO A 182 18.82 31.09 -6.17
C PRO A 182 18.46 30.04 -7.23
N SER A 183 19.20 28.94 -7.33
CA SER A 183 18.85 27.89 -8.26
C SER A 183 17.82 26.92 -7.63
N ARG A 184 17.41 27.21 -6.40
CA ARG A 184 16.52 26.32 -5.66
C ARG A 184 15.25 27.00 -5.15
N LYS A 185 14.27 26.16 -4.82
CA LYS A 185 13.06 26.61 -4.14
C LYS A 185 12.91 25.88 -2.83
N ILE A 186 12.21 26.51 -1.91
CA ILE A 186 11.84 25.87 -0.66
C ILE A 186 10.33 25.70 -0.64
N TYR A 187 9.89 24.45 -0.52
CA TYR A 187 8.47 24.13 -0.32
C TYR A 187 8.22 23.80 1.14
N LYS A 188 7.15 24.35 1.71
CA LYS A 188 6.80 24.17 3.11
C LYS A 188 5.53 23.33 3.24
N PHE A 189 5.47 22.55 4.32
CA PHE A 189 4.36 21.62 4.60
C PHE A 189 4.01 21.57 6.08
N ILE A 190 2.71 21.39 6.37
CA ILE A 190 2.30 21.20 7.76
C ILE A 190 1.26 20.09 7.87
N GLN A 191 1.53 19.18 8.80
CA GLN A 191 0.62 18.08 9.10
C GLN A 191 0.18 18.25 10.54
N LYS A 192 -1.03 18.80 10.73
CA LYS A 192 -1.50 19.13 12.08
C LYS A 192 -2.24 17.97 12.77
N VAL A 193 -2.47 16.88 12.06
CA VAL A 193 -3.13 15.72 12.67
C VAL A 193 -2.05 14.71 13.00
N PRO A 194 -2.00 14.22 14.26
CA PRO A 194 -0.93 13.24 14.58
C PRO A 194 -1.03 11.93 13.76
N ILE A 195 0.12 11.49 13.26
CA ILE A 195 0.22 10.31 12.40
C ILE A 195 1.35 9.37 12.81
N PRO A 196 1.19 8.07 12.52
CA PRO A 196 2.34 7.19 12.61
C PRO A 196 3.34 7.58 11.50
N CYS A 197 4.61 7.34 11.75
CA CYS A 197 5.64 7.81 10.82
C CYS A 197 5.65 7.11 9.46
N TYR A 198 5.04 5.93 9.37
CA TYR A 198 4.99 5.24 8.09
C TYR A 198 4.18 6.03 7.04
N LEU A 199 3.48 7.05 7.51
CA LEU A 199 2.64 7.89 6.66
C LEU A 199 3.38 9.13 6.16
N ILE A 200 4.62 9.33 6.62
CA ILE A 200 5.43 10.39 6.07
C ILE A 200 5.76 10.05 4.61
N ALA A 201 5.59 11.03 3.73
CA ALA A 201 5.87 10.83 2.32
C ALA A 201 6.41 12.09 1.64
N LEU A 202 7.26 11.87 0.63
CA LEU A 202 7.85 12.95 -0.15
C LEU A 202 7.95 12.51 -1.61
N VAL A 203 7.59 13.43 -2.52
CA VAL A 203 7.89 13.27 -3.95
C VAL A 203 8.51 14.60 -4.39
N VAL A 204 9.44 14.51 -5.33
CA VAL A 204 10.06 15.69 -5.94
C VAL A 204 10.22 15.41 -7.41
N GLY A 205 9.63 16.25 -8.25
CA GLY A 205 9.71 16.04 -9.69
C GLY A 205 9.04 17.15 -10.45
N ALA A 206 8.96 16.97 -11.76
CA ALA A 206 8.34 17.95 -12.65
C ALA A 206 6.82 17.77 -12.64
N LEU A 207 6.20 18.18 -11.54
CA LEU A 207 4.79 17.89 -11.30
C LEU A 207 3.88 19.07 -11.65
N GLU A 208 2.71 18.73 -12.19
CA GLU A 208 1.68 19.71 -12.50
C GLU A 208 0.41 19.24 -11.80
N SER A 209 -0.54 20.14 -11.57
CA SER A 209 -1.74 19.83 -10.83
C SER A 209 -2.98 20.20 -11.60
N ARG A 210 -4.04 19.44 -11.42
CA ARG A 210 -5.36 19.82 -11.91
C ARG A 210 -6.45 19.60 -10.84
N GLN A 211 -7.29 20.60 -10.65
CA GLN A 211 -8.37 20.48 -9.69
C GLN A 211 -9.44 19.58 -10.25
N ILE A 212 -9.88 18.61 -9.45
CA ILE A 212 -10.97 17.70 -9.87
C ILE A 212 -12.14 17.64 -8.89
N GLY A 213 -12.01 18.34 -7.76
CA GLY A 213 -13.07 18.44 -6.78
C GLY A 213 -12.79 19.59 -5.81
N PRO A 214 -13.73 19.91 -4.90
CA PRO A 214 -13.52 21.06 -3.99
C PRO A 214 -12.34 20.88 -3.01
N ARG A 215 -11.88 19.66 -2.79
CA ARG A 215 -10.74 19.45 -1.89
C ARG A 215 -9.72 18.46 -2.49
N THR A 216 -9.70 18.39 -3.82
CA THR A 216 -8.86 17.43 -4.52
C THR A 216 -8.21 17.99 -5.79
N LEU A 217 -6.88 18.02 -5.77
CA LEU A 217 -6.07 18.22 -6.96
C LEU A 217 -5.45 16.89 -7.27
N VAL A 218 -5.38 16.56 -8.56
CA VAL A 218 -4.55 15.45 -9.01
C VAL A 218 -3.20 16.00 -9.48
N TRP A 219 -2.14 15.32 -9.07
CA TRP A 219 -0.78 15.70 -9.42
C TRP A 219 -0.13 14.59 -10.21
N SER A 220 0.62 14.98 -11.24
CA SER A 220 1.44 14.04 -11.98
C SER A 220 2.36 14.81 -12.92
N GLU A 221 3.22 14.10 -13.64
CA GLU A 221 3.85 14.75 -14.78
C GLU A 221 2.80 15.15 -15.79
N LYS A 222 3.11 16.18 -16.58
CA LYS A 222 2.14 16.76 -17.50
C LYS A 222 1.47 15.72 -18.37
N GLU A 223 2.26 14.74 -18.83
CA GLU A 223 1.77 13.73 -19.77
C GLU A 223 0.58 12.91 -19.24
N GLN A 224 0.43 12.82 -17.93
CA GLN A 224 -0.63 12.01 -17.33
C GLN A 224 -1.78 12.79 -16.69
N VAL A 225 -1.68 14.11 -16.62
CA VAL A 225 -2.67 14.87 -15.87
C VAL A 225 -4.07 14.73 -16.46
N GLU A 226 -4.16 14.89 -17.77
CA GLU A 226 -5.46 14.84 -18.40
C GLU A 226 -6.19 13.49 -18.17
N LYS A 227 -5.48 12.40 -18.43
CA LYS A 227 -6.05 11.07 -18.19
C LYS A 227 -6.37 10.83 -16.74
N SER A 228 -5.54 11.33 -15.83
CA SER A 228 -5.76 11.10 -14.40
C SER A 228 -7.00 11.85 -13.88
N ALA A 229 -7.22 13.04 -14.40
CA ALA A 229 -8.34 13.88 -13.94
C ALA A 229 -9.66 13.20 -14.31
N TYR A 230 -9.69 12.65 -15.51
CA TYR A 230 -10.86 11.88 -15.92
C TYR A 230 -11.00 10.60 -15.10
N GLU A 231 -9.92 9.82 -15.01
CA GLU A 231 -9.98 8.51 -14.37
C GLU A 231 -10.49 8.55 -12.93
N PHE A 232 -10.12 9.59 -12.20
CA PHE A 232 -10.43 9.71 -10.77
C PHE A 232 -11.50 10.74 -10.47
N SER A 233 -12.31 11.07 -11.48
CA SER A 233 -13.28 12.15 -11.34
C SER A 233 -14.32 11.89 -10.27
N GLU A 234 -14.52 10.63 -9.91
CA GLU A 234 -15.54 10.31 -8.89
C GLU A 234 -15.03 10.43 -7.44
N THR A 235 -13.81 10.94 -7.28
CA THR A 235 -13.18 11.05 -5.95
C THR A 235 -14.03 11.80 -4.91
N GLU A 236 -14.53 12.98 -5.24
CA GLU A 236 -15.33 13.74 -4.28
C GLU A 236 -16.60 12.95 -3.88
N SER A 237 -17.24 12.28 -4.84
CA SER A 237 -18.47 11.56 -4.49
C SER A 237 -18.15 10.38 -3.54
N MET A 238 -16.97 9.78 -3.74
CA MET A 238 -16.49 8.75 -2.83
C MET A 238 -16.13 9.28 -1.44
N LEU A 239 -15.46 10.44 -1.38
CA LEU A 239 -15.19 11.08 -0.11
C LEU A 239 -16.47 11.37 0.69
N LYS A 240 -17.52 11.83 0.02
CA LYS A 240 -18.78 12.15 0.70
C LYS A 240 -19.43 10.89 1.26
N ILE A 241 -19.39 9.80 0.49
CA ILE A 241 -19.92 8.54 1.00
C ILE A 241 -19.09 8.09 2.21
N ALA A 242 -17.77 8.19 2.09
CA ALA A 242 -16.86 7.74 3.14
C ALA A 242 -17.11 8.50 4.45
N GLU A 243 -17.39 9.80 4.33
CA GLU A 243 -17.70 10.62 5.49
C GLU A 243 -18.98 10.19 6.17
N ASP A 244 -19.95 9.81 5.35
CA ASP A 244 -21.23 9.33 5.88
C ASP A 244 -21.03 8.03 6.69
N LEU A 245 -20.13 7.17 6.21
CA LEU A 245 -19.89 5.89 6.85
C LEU A 245 -18.93 5.97 8.03
N GLY A 246 -17.93 6.84 7.95
CA GLY A 246 -16.86 6.86 8.95
C GLY A 246 -16.82 8.05 9.91
N GLY A 247 -17.63 9.08 9.62
CA GLY A 247 -17.58 10.33 10.34
C GLY A 247 -16.68 11.31 9.60
N PRO A 248 -16.45 12.48 10.20
CA PRO A 248 -15.71 13.58 9.57
C PRO A 248 -14.37 13.17 8.96
N TYR A 249 -14.12 13.67 7.76
CA TYR A 249 -12.81 13.60 7.15
C TYR A 249 -12.00 14.71 7.82
N VAL A 250 -10.97 14.37 8.57
CA VAL A 250 -10.31 15.39 9.43
C VAL A 250 -9.06 16.00 8.82
N TRP A 251 -8.68 15.56 7.62
CA TRP A 251 -7.36 15.86 7.08
C TRP A 251 -7.29 17.10 6.19
N GLY A 252 -8.45 17.71 5.93
CA GLY A 252 -8.52 18.92 5.11
C GLY A 252 -8.56 18.61 3.63
N GLN A 253 -7.39 18.46 3.05
CA GLN A 253 -7.24 18.20 1.63
C GLN A 253 -7.23 16.69 1.37
N TYR A 254 -7.77 16.27 0.23
CA TYR A 254 -7.54 14.91 -0.27
C TYR A 254 -7.03 15.00 -1.71
N ASP A 255 -5.71 15.12 -1.85
CA ASP A 255 -5.08 15.17 -3.17
C ASP A 255 -4.66 13.77 -3.59
N LEU A 256 -4.45 13.60 -4.90
CA LEU A 256 -3.96 12.36 -5.48
C LEU A 256 -2.69 12.65 -6.25
N LEU A 257 -1.72 11.75 -6.13
CA LEU A 257 -0.50 11.81 -6.90
C LEU A 257 -0.39 10.57 -7.71
N VAL A 258 -0.28 10.71 -9.02
CA VAL A 258 -0.10 9.55 -9.91
C VAL A 258 1.39 9.45 -10.23
N LEU A 259 2.02 8.40 -9.70
CA LEU A 259 3.45 8.23 -9.73
C LEU A 259 3.91 7.68 -11.07
N PRO A 260 5.23 7.62 -11.28
CA PRO A 260 5.75 6.96 -12.47
C PRO A 260 5.50 5.46 -12.38
N PRO A 261 5.70 4.73 -13.49
CA PRO A 261 5.28 3.33 -13.56
C PRO A 261 5.94 2.38 -12.54
N SER A 262 7.12 2.72 -12.06
CA SER A 262 7.81 1.84 -11.12
C SER A 262 7.27 1.92 -9.68
N PHE A 263 6.26 2.77 -9.43
CA PHE A 263 5.65 2.74 -8.10
C PHE A 263 5.25 1.29 -7.69
N PRO A 264 5.74 0.82 -6.53
CA PRO A 264 5.66 -0.62 -6.28
C PRO A 264 4.30 -1.17 -5.82
N TYR A 265 3.35 -0.29 -5.54
CA TYR A 265 2.05 -0.70 -5.02
C TYR A 265 0.89 -0.05 -5.78
N GLY A 266 -0.32 -0.62 -5.62
CA GLY A 266 -1.51 -0.03 -6.22
C GLY A 266 -1.75 1.36 -5.67
N GLY A 267 -1.58 1.50 -4.36
CA GLY A 267 -1.78 2.79 -3.71
C GLY A 267 -1.13 2.85 -2.34
N MET A 268 -0.89 4.07 -1.84
CA MET A 268 -0.45 4.26 -0.47
C MET A 268 -1.20 5.47 0.08
N GLU A 269 -1.85 5.28 1.22
CA GLU A 269 -2.82 6.23 1.78
C GLU A 269 -2.16 7.39 2.50
N ASN A 270 -1.10 7.94 1.92
CA ASN A 270 -0.38 9.02 2.60
C ASN A 270 -1.37 10.17 2.87
N PRO A 271 -1.46 10.65 4.12
CA PRO A 271 -2.52 11.61 4.43
C PRO A 271 -2.35 12.93 3.68
N CYS A 272 -3.47 13.45 3.17
CA CYS A 272 -3.55 14.67 2.35
C CYS A 272 -3.09 14.44 0.92
N LEU A 273 -2.45 13.31 0.65
CA LEU A 273 -1.90 13.05 -0.67
C LEU A 273 -1.73 11.56 -0.89
N THR A 274 -2.82 10.91 -1.27
CA THR A 274 -2.74 9.51 -1.70
C THR A 274 -1.85 9.34 -2.93
N PHE A 275 -0.96 8.33 -2.86
CA PHE A 275 -0.09 7.99 -3.97
C PHE A 275 -0.73 6.80 -4.68
N VAL A 276 -0.80 6.85 -6.00
CA VAL A 276 -1.30 5.69 -6.76
C VAL A 276 -0.44 5.36 -7.99
N THR A 277 -0.53 4.10 -8.40
CA THR A 277 0.09 3.62 -9.61
C THR A 277 -0.59 4.17 -10.87
N PRO A 278 0.19 4.46 -11.92
CA PRO A 278 -0.43 4.89 -13.17
C PRO A 278 -1.12 3.71 -13.89
N THR A 279 -0.97 2.49 -13.37
CA THR A 279 -1.67 1.35 -13.95
C THR A 279 -3.17 1.37 -13.60
N LEU A 280 -3.60 2.36 -12.82
CA LEU A 280 -5.03 2.58 -12.64
C LEU A 280 -5.68 3.25 -13.87
N LEU A 281 -4.86 3.75 -14.78
CA LEU A 281 -5.38 4.56 -15.86
C LEU A 281 -5.95 3.71 -17.01
N ALA A 282 -7.05 3.04 -16.72
CA ALA A 282 -7.66 2.12 -17.70
C ALA A 282 -8.46 2.85 -18.79
N GLY A 283 -8.78 4.12 -18.53
CA GLY A 283 -9.47 4.94 -19.52
C GLY A 283 -10.99 4.96 -19.35
N ASP A 284 -11.50 4.28 -18.33
CA ASP A 284 -12.93 4.12 -18.12
C ASP A 284 -13.33 4.13 -16.63
N LYS A 285 -12.39 4.50 -15.75
CA LYS A 285 -12.63 4.59 -14.30
C LYS A 285 -12.89 3.25 -13.62
N SER A 286 -12.65 2.15 -14.33
CA SER A 286 -13.05 0.84 -13.84
C SER A 286 -12.21 0.29 -12.67
N LEU A 287 -11.03 0.86 -12.44
CA LEU A 287 -10.19 0.44 -11.31
C LEU A 287 -10.30 1.41 -10.13
N SER A 288 -11.40 2.15 -10.06
CA SER A 288 -11.58 3.18 -9.03
C SER A 288 -11.78 2.65 -7.61
N ASN A 289 -11.98 1.36 -7.44
CA ASN A 289 -12.02 0.78 -6.10
C ASN A 289 -10.72 1.05 -5.35
N VAL A 290 -9.62 1.18 -6.07
CA VAL A 290 -8.35 1.48 -5.40
C VAL A 290 -8.43 2.86 -4.77
N ILE A 291 -9.05 3.83 -5.47
CA ILE A 291 -9.28 5.15 -4.89
C ILE A 291 -10.21 5.02 -3.70
N ALA A 292 -11.28 4.23 -3.83
CA ALA A 292 -12.18 4.02 -2.68
C ALA A 292 -11.43 3.44 -1.47
N HIS A 293 -10.47 2.57 -1.75
CA HIS A 293 -9.66 1.96 -0.71
C HIS A 293 -8.78 3.00 -0.02
N GLU A 294 -8.04 3.79 -0.80
CA GLU A 294 -7.13 4.77 -0.21
C GLU A 294 -7.89 5.85 0.56
N ILE A 295 -9.04 6.26 0.01
CA ILE A 295 -9.93 7.17 0.72
C ILE A 295 -10.30 6.60 2.08
N SER A 296 -10.74 5.33 2.10
CA SER A 296 -11.21 4.68 3.33
C SER A 296 -10.13 4.65 4.41
N HIS A 297 -8.87 4.54 4.01
CA HIS A 297 -7.75 4.59 4.97
C HIS A 297 -7.66 5.88 5.79
N SER A 298 -8.30 6.95 5.32
CA SER A 298 -8.32 8.22 6.08
C SER A 298 -9.05 8.04 7.42
N TRP A 299 -9.77 6.93 7.54
CA TRP A 299 -10.36 6.52 8.79
C TRP A 299 -9.67 5.26 9.31
N THR A 300 -9.80 4.16 8.57
CA THR A 300 -9.29 2.87 9.03
C THR A 300 -7.84 2.70 8.59
N GLY A 301 -6.93 2.97 9.52
CA GLY A 301 -5.50 3.03 9.26
C GLY A 301 -4.84 4.35 9.67
N ASN A 302 -5.30 5.47 9.13
CA ASN A 302 -4.67 6.76 9.44
C ASN A 302 -5.23 7.43 10.72
N LEU A 303 -6.51 7.19 11.02
CA LEU A 303 -7.11 7.65 12.29
C LEU A 303 -7.02 6.58 13.36
N VAL A 304 -7.55 5.40 13.06
CA VAL A 304 -7.37 4.23 13.90
C VAL A 304 -6.21 3.43 13.26
N THR A 305 -5.13 3.23 14.00
CA THR A 305 -3.91 2.64 13.44
C THR A 305 -3.56 1.30 14.08
N ASN A 306 -3.05 0.36 13.30
CA ASN A 306 -2.47 -0.83 13.94
C ASN A 306 -1.27 -0.52 14.85
N LYS A 307 -1.29 -1.09 16.07
CA LYS A 307 -0.22 -0.79 17.03
C LYS A 307 1.12 -1.39 16.66
N THR A 308 1.09 -2.60 16.10
CA THR A 308 2.27 -3.23 15.51
C THR A 308 1.80 -3.84 14.19
N TRP A 309 2.76 -4.21 13.35
CA TRP A 309 2.46 -4.75 12.06
C TRP A 309 1.89 -6.17 12.16
N ASP A 310 2.04 -6.83 13.31
CA ASP A 310 1.37 -8.11 13.48
C ASP A 310 -0.15 -7.96 13.34
N HIS A 311 -0.65 -6.75 13.59
CA HIS A 311 -2.08 -6.46 13.59
C HIS A 311 -2.51 -5.65 12.36
N PHE A 312 -1.71 -5.77 11.30
CA PHE A 312 -1.94 -5.10 10.01
C PHE A 312 -3.34 -5.37 9.47
N TRP A 313 -3.92 -6.53 9.78
CA TRP A 313 -5.23 -6.87 9.24
C TRP A 313 -6.26 -5.85 9.72
N LEU A 314 -6.05 -5.24 10.89
CA LEU A 314 -6.99 -4.21 11.35
C LEU A 314 -7.07 -3.06 10.34
N ASN A 315 -5.91 -2.60 9.87
CA ASN A 315 -5.83 -1.60 8.82
C ASN A 315 -6.53 -2.07 7.55
N GLU A 316 -6.20 -3.26 7.09
CA GLU A 316 -6.63 -3.64 5.74
C GLU A 316 -8.03 -4.24 5.66
N GLY A 317 -8.41 -5.12 6.60
CA GLY A 317 -9.73 -5.71 6.57
C GLY A 317 -10.81 -4.64 6.66
N HIS A 318 -10.62 -3.70 7.58
CA HIS A 318 -11.63 -2.67 7.76
C HIS A 318 -11.65 -1.74 6.57
N THR A 319 -10.49 -1.51 5.95
CA THR A 319 -10.45 -0.58 4.82
C THR A 319 -11.13 -1.22 3.60
N VAL A 320 -10.88 -2.51 3.36
CA VAL A 320 -11.50 -3.22 2.25
C VAL A 320 -13.01 -3.25 2.50
N TYR A 321 -13.39 -3.37 3.77
CA TYR A 321 -14.81 -3.41 4.17
C TYR A 321 -15.49 -2.06 3.79
N LEU A 322 -14.85 -0.95 4.16
CA LEU A 322 -15.35 0.37 3.81
C LEU A 322 -15.34 0.60 2.30
N GLU A 323 -14.22 0.23 1.67
CA GLU A 323 -14.09 0.31 0.21
C GLU A 323 -15.29 -0.34 -0.49
N ARG A 324 -15.65 -1.53 -0.08
CA ARG A 324 -16.68 -2.24 -0.82
C ARG A 324 -18.05 -1.66 -0.50
N HIS A 325 -18.20 -1.05 0.66
CA HIS A 325 -19.41 -0.28 0.96
C HIS A 325 -19.54 0.97 0.08
N ILE A 326 -18.42 1.67 -0.18
CA ILE A 326 -18.45 2.83 -1.09
C ILE A 326 -18.89 2.41 -2.50
N CYS A 327 -18.27 1.34 -3.00
CA CYS A 327 -18.63 0.80 -4.30
C CYS A 327 -20.11 0.35 -4.30
N GLY A 328 -20.55 -0.24 -3.20
CA GLY A 328 -21.93 -0.71 -3.10
C GLY A 328 -22.93 0.44 -3.09
N ARG A 329 -22.59 1.52 -2.40
CA ARG A 329 -23.42 2.74 -2.43
C ARG A 329 -23.52 3.31 -3.85
N LEU A 330 -22.40 3.33 -4.57
CA LEU A 330 -22.34 3.92 -5.90
C LEU A 330 -23.00 3.04 -6.98
N PHE A 331 -22.82 1.72 -6.87
CA PHE A 331 -23.23 0.82 -7.95
C PHE A 331 -24.20 -0.29 -7.54
N GLY A 332 -24.59 -0.33 -6.28
CA GLY A 332 -25.58 -1.29 -5.79
C GLY A 332 -25.03 -2.41 -4.92
N GLU A 333 -25.92 -2.96 -4.09
CA GLU A 333 -25.54 -4.03 -3.19
C GLU A 333 -25.07 -5.28 -3.93
N LYS A 334 -25.65 -5.54 -5.11
CA LYS A 334 -25.26 -6.73 -5.86
C LYS A 334 -23.81 -6.59 -6.33
N PHE A 335 -23.41 -5.37 -6.65
CA PHE A 335 -22.02 -5.14 -7.01
C PHE A 335 -21.09 -5.32 -5.81
N ARG A 336 -21.50 -4.86 -4.63
CA ARG A 336 -20.69 -5.07 -3.42
C ARG A 336 -20.45 -6.57 -3.20
N HIS A 337 -21.48 -7.36 -3.40
CA HIS A 337 -21.36 -8.80 -3.25
C HIS A 337 -20.45 -9.40 -4.32
N PHE A 338 -20.56 -8.89 -5.54
CA PHE A 338 -19.68 -9.33 -6.63
C PHE A 338 -18.21 -9.13 -6.26
N ASN A 339 -17.88 -7.96 -5.71
CA ASN A 339 -16.48 -7.71 -5.37
C ASN A 339 -16.06 -8.48 -4.13
N ALA A 340 -16.97 -8.62 -3.17
CA ALA A 340 -16.69 -9.44 -1.99
C ALA A 340 -16.33 -10.87 -2.41
N LEU A 341 -17.08 -11.41 -3.37
CA LEU A 341 -16.87 -12.79 -3.77
C LEU A 341 -15.57 -12.93 -4.55
N GLY A 342 -15.24 -11.89 -5.32
CA GLY A 342 -13.99 -11.86 -6.04
C GLY A 342 -12.83 -11.85 -5.05
N GLY A 343 -13.00 -11.12 -3.95
CA GLY A 343 -11.99 -11.06 -2.90
C GLY A 343 -11.75 -12.41 -2.24
N TRP A 344 -12.84 -13.15 -2.01
CA TRP A 344 -12.73 -14.52 -1.50
C TRP A 344 -11.92 -15.39 -2.46
N GLY A 345 -12.16 -15.22 -3.77
CA GLY A 345 -11.39 -15.90 -4.79
C GLY A 345 -9.90 -15.58 -4.74
N GLU A 346 -9.56 -14.31 -4.49
CA GLU A 346 -8.16 -13.93 -4.31
C GLU A 346 -7.57 -14.56 -3.05
N LEU A 347 -8.36 -14.70 -1.99
CA LEU A 347 -7.88 -15.37 -0.77
C LEU A 347 -7.63 -16.87 -1.03
N GLN A 348 -8.53 -17.54 -1.76
CA GLN A 348 -8.30 -18.94 -2.18
C GLN A 348 -6.97 -19.05 -2.93
N ASN A 349 -6.74 -18.12 -3.84
CA ASN A 349 -5.52 -18.17 -4.65
C ASN A 349 -4.31 -18.05 -3.75
N SER A 350 -4.36 -17.11 -2.82
CA SER A 350 -3.23 -16.88 -1.91
C SER A 350 -2.96 -18.12 -1.09
N VAL A 351 -4.02 -18.70 -0.52
CA VAL A 351 -3.85 -19.88 0.32
C VAL A 351 -3.27 -21.03 -0.50
N LYS A 352 -3.76 -21.23 -1.73
CA LYS A 352 -3.23 -22.26 -2.61
C LYS A 352 -1.75 -22.06 -2.94
N THR A 353 -1.38 -20.80 -3.15
CA THR A 353 -0.03 -20.48 -3.57
C THR A 353 0.95 -20.57 -2.40
N PHE A 354 0.56 -20.02 -1.25
CA PHE A 354 1.35 -20.10 -0.02
C PHE A 354 1.39 -21.52 0.58
N GLY A 355 0.26 -22.22 0.49
CA GLY A 355 0.05 -23.49 1.17
C GLY A 355 -0.82 -23.29 2.40
N GLU A 356 -1.70 -24.25 2.65
CA GLU A 356 -2.74 -24.10 3.68
C GLU A 356 -2.21 -24.09 5.13
N THR A 357 -0.94 -24.41 5.32
CA THR A 357 -0.33 -24.33 6.67
C THR A 357 0.66 -23.17 6.79
N HIS A 358 0.79 -22.36 5.75
CA HIS A 358 1.80 -21.32 5.76
C HIS A 358 1.49 -20.26 6.83
N PRO A 359 2.49 -19.87 7.62
CA PRO A 359 2.30 -18.90 8.73
C PRO A 359 1.72 -17.54 8.33
N PHE A 360 1.92 -17.13 7.08
CA PHE A 360 1.37 -15.86 6.62
C PHE A 360 0.01 -15.97 5.95
N THR A 361 -0.62 -17.13 6.10
CA THR A 361 -2.04 -17.26 5.77
C THR A 361 -2.85 -17.07 7.05
N LYS A 362 -2.17 -16.93 8.17
CA LYS A 362 -2.83 -16.50 9.41
C LYS A 362 -3.25 -15.03 9.28
N LEU A 363 -4.31 -14.66 10.00
CA LEU A 363 -4.81 -13.29 9.99
C LEU A 363 -3.93 -12.40 10.87
N VAL A 364 -3.74 -12.83 12.13
CA VAL A 364 -2.78 -12.19 13.03
C VAL A 364 -1.47 -12.97 12.89
N VAL A 365 -0.40 -12.25 12.56
CA VAL A 365 0.86 -12.89 12.26
C VAL A 365 1.89 -12.56 13.33
N ASP A 366 3.04 -13.22 13.22
CA ASP A 366 4.19 -12.98 14.09
C ASP A 366 5.38 -12.65 13.22
N LEU A 367 5.68 -11.36 13.12
CA LEU A 367 6.76 -10.89 12.24
C LEU A 367 8.16 -10.98 12.88
N THR A 368 8.27 -11.65 14.02
CA THR A 368 9.58 -11.85 14.65
C THR A 368 10.59 -12.36 13.63
N ASP A 369 11.64 -11.58 13.41
CA ASP A 369 12.72 -11.93 12.50
C ASP A 369 12.27 -12.16 11.04
N ILE A 370 11.16 -11.54 10.65
CA ILE A 370 10.73 -11.58 9.25
C ILE A 370 10.60 -10.17 8.68
N ASP A 371 11.18 -9.96 7.52
CA ASP A 371 11.06 -8.69 6.81
C ASP A 371 9.59 -8.54 6.40
N PRO A 372 8.87 -7.54 6.95
CA PRO A 372 7.47 -7.27 6.56
C PRO A 372 7.25 -7.30 5.04
N ASP A 373 8.22 -6.83 4.27
CA ASP A 373 8.10 -6.82 2.81
C ASP A 373 8.04 -8.22 2.22
N VAL A 374 8.69 -9.17 2.88
CA VAL A 374 8.67 -10.58 2.45
C VAL A 374 7.34 -11.23 2.83
N ALA A 375 6.74 -10.78 3.93
CA ALA A 375 5.46 -11.31 4.39
C ALA A 375 4.22 -10.77 3.66
N TYR A 376 4.35 -9.57 3.09
CA TYR A 376 3.22 -8.84 2.55
C TYR A 376 2.49 -9.64 1.45
N SER A 377 1.16 -9.72 1.56
CA SER A 377 0.30 -10.33 0.56
C SER A 377 -1.12 -9.79 0.75
N SER A 378 -2.05 -10.27 -0.07
CA SER A 378 -3.44 -9.87 0.05
C SER A 378 -4.20 -10.63 1.17
N VAL A 379 -3.53 -11.52 1.92
CA VAL A 379 -4.21 -12.23 3.01
C VAL A 379 -4.82 -11.31 4.06
N PRO A 380 -4.04 -10.34 4.61
CA PRO A 380 -4.68 -9.52 5.67
C PRO A 380 -5.86 -8.71 5.13
N TYR A 381 -5.80 -8.36 3.84
CA TYR A 381 -6.90 -7.69 3.14
C TYR A 381 -8.15 -8.58 3.04
N GLU A 382 -8.01 -9.76 2.44
CA GLU A 382 -9.18 -10.61 2.15
C GLU A 382 -9.58 -11.52 3.31
N LYS A 383 -8.63 -12.04 4.07
CA LYS A 383 -9.03 -12.78 5.26
C LYS A 383 -9.65 -11.82 6.29
N GLY A 384 -9.10 -10.61 6.40
CA GLY A 384 -9.64 -9.59 7.29
C GLY A 384 -11.02 -9.19 6.84
N PHE A 385 -11.18 -8.98 5.53
CA PHE A 385 -12.47 -8.62 5.00
C PHE A 385 -13.48 -9.74 5.25
N ALA A 386 -13.07 -10.97 4.98
CA ALA A 386 -13.99 -12.12 5.14
C ALA A 386 -14.50 -12.20 6.56
N LEU A 387 -13.63 -11.93 7.53
CA LEU A 387 -14.03 -11.98 8.94
C LEU A 387 -15.12 -10.94 9.20
N LEU A 388 -14.91 -9.73 8.68
CA LEU A 388 -15.85 -8.64 8.91
C LEU A 388 -17.18 -8.89 8.20
N PHE A 389 -17.14 -9.46 6.99
CA PHE A 389 -18.34 -9.77 6.21
C PHE A 389 -19.14 -10.89 6.90
N TYR A 390 -18.43 -11.91 7.38
CA TYR A 390 -18.99 -12.98 8.21
C TYR A 390 -19.68 -12.41 9.44
N LEU A 391 -19.00 -11.53 10.18
CA LEU A 391 -19.58 -10.88 11.34
C LEU A 391 -20.80 -10.01 10.98
N GLU A 392 -20.72 -9.27 9.87
CA GLU A 392 -21.84 -8.47 9.41
C GLU A 392 -23.08 -9.34 9.29
N GLN A 393 -22.92 -10.51 8.68
CA GLN A 393 -24.07 -11.38 8.44
C GLN A 393 -24.53 -12.05 9.73
N LEU A 394 -23.60 -12.40 10.61
CA LEU A 394 -23.89 -13.00 11.91
C LEU A 394 -24.69 -12.07 12.82
N LEU A 395 -24.40 -10.77 12.73
CA LEU A 395 -24.88 -9.80 13.72
C LEU A 395 -26.07 -8.94 13.28
N GLY A 396 -26.66 -9.24 12.12
CA GLY A 396 -27.89 -8.61 11.70
C GLY A 396 -27.85 -7.79 10.42
N GLY A 397 -26.72 -7.82 9.72
CA GLY A 397 -26.63 -7.18 8.41
C GLY A 397 -25.80 -5.89 8.33
N PRO A 398 -25.69 -5.33 7.10
CA PRO A 398 -24.72 -4.26 6.87
C PRO A 398 -25.05 -2.95 7.62
N GLU A 399 -26.33 -2.62 7.70
CA GLU A 399 -26.71 -1.38 8.38
C GLU A 399 -26.26 -1.43 9.85
N ILE A 400 -26.53 -2.55 10.50
CA ILE A 400 -26.08 -2.74 11.88
C ILE A 400 -24.54 -2.78 11.98
N PHE A 401 -23.89 -3.51 11.09
CA PHE A 401 -22.44 -3.60 11.21
C PHE A 401 -21.77 -2.27 10.88
N LEU A 402 -22.39 -1.46 10.03
CA LEU A 402 -21.83 -0.11 9.76
C LEU A 402 -21.93 0.79 10.99
N GLY A 403 -22.93 0.56 11.83
CA GLY A 403 -23.03 1.31 13.07
C GLY A 403 -21.86 1.00 13.98
N PHE A 404 -21.48 -0.29 14.05
CA PHE A 404 -20.28 -0.69 14.77
C PHE A 404 -19.04 -0.03 14.16
N LEU A 405 -18.94 -0.06 12.84
CA LEU A 405 -17.77 0.52 12.19
C LEU A 405 -17.54 1.99 12.57
N LYS A 406 -18.58 2.80 12.44
CA LYS A 406 -18.48 4.23 12.81
C LYS A 406 -18.13 4.42 14.29
N ALA A 407 -18.72 3.60 15.16
CA ALA A 407 -18.42 3.67 16.60
C ALA A 407 -16.96 3.30 16.92
N TYR A 408 -16.48 2.25 16.24
CA TYR A 408 -15.10 1.80 16.36
C TYR A 408 -14.12 2.88 15.94
N VAL A 409 -14.39 3.54 14.80
CA VAL A 409 -13.55 4.65 14.35
C VAL A 409 -13.56 5.79 15.38
N GLU A 410 -14.74 6.17 15.86
CA GLU A 410 -14.85 7.21 16.89
C GLU A 410 -14.09 6.84 18.15
N LYS A 411 -14.29 5.61 18.61
CA LYS A 411 -13.66 5.14 19.84
C LYS A 411 -12.12 5.21 19.76
N PHE A 412 -11.53 4.77 18.65
CA PHE A 412 -10.07 4.65 18.58
C PHE A 412 -9.35 5.69 17.73
N SER A 413 -10.05 6.75 17.34
CA SER A 413 -9.42 7.81 16.54
C SER A 413 -8.23 8.40 17.26
N TYR A 414 -7.16 8.64 16.50
CA TYR A 414 -5.91 9.18 16.99
C TYR A 414 -5.15 8.19 17.89
N LYS A 415 -5.58 6.94 17.87
CA LYS A 415 -4.91 5.91 18.67
C LYS A 415 -4.39 4.75 17.84
N SER A 416 -3.54 3.95 18.47
CA SER A 416 -3.00 2.74 17.84
C SER A 416 -3.42 1.55 18.69
N ILE A 417 -3.96 0.52 18.04
CA ILE A 417 -4.64 -0.58 18.74
C ILE A 417 -4.24 -1.96 18.26
N THR A 418 -4.60 -2.96 19.07
CA THR A 418 -4.31 -4.35 18.77
C THR A 418 -5.59 -5.09 18.43
N THR A 419 -5.46 -6.34 17.97
CA THR A 419 -6.62 -7.18 17.71
C THR A 419 -7.51 -7.35 18.96
N ASP A 420 -6.91 -7.50 20.13
CA ASP A 420 -7.71 -7.58 21.35
C ASP A 420 -8.52 -6.30 21.63
N ASP A 421 -7.94 -5.13 21.40
CA ASP A 421 -8.70 -3.89 21.56
C ASP A 421 -9.93 -3.91 20.66
N TRP A 422 -9.72 -4.32 19.42
CA TRP A 422 -10.81 -4.41 18.47
C TRP A 422 -11.91 -5.38 18.95
N LYS A 423 -11.51 -6.57 19.35
CA LYS A 423 -12.44 -7.63 19.73
C LYS A 423 -13.14 -7.28 21.05
N ASP A 424 -12.39 -6.70 21.99
CA ASP A 424 -13.01 -6.14 23.22
C ASP A 424 -14.11 -5.14 22.87
N PHE A 425 -13.85 -4.26 21.91
CA PHE A 425 -14.84 -3.26 21.59
C PHE A 425 -16.03 -3.86 20.86
N LEU A 426 -15.77 -4.80 19.95
CA LEU A 426 -16.83 -5.53 19.27
C LEU A 426 -17.78 -6.15 20.31
N TYR A 427 -17.21 -6.84 21.30
CA TYR A 427 -18.02 -7.44 22.38
C TYR A 427 -18.81 -6.38 23.16
N SER A 428 -18.21 -5.22 23.48
CA SER A 428 -18.95 -4.18 24.21
C SER A 428 -20.08 -3.60 23.36
N TYR A 429 -19.79 -3.29 22.11
CA TYR A 429 -20.79 -2.73 21.25
C TYR A 429 -21.95 -3.71 21.08
N PHE A 430 -21.62 -4.97 20.80
CA PHE A 430 -22.62 -6.01 20.60
C PHE A 430 -22.85 -6.88 21.83
N LYS A 431 -22.86 -6.25 23.00
CA LYS A 431 -23.02 -6.99 24.25
C LYS A 431 -24.35 -7.76 24.30
N ASP A 432 -25.38 -7.28 23.61
CA ASP A 432 -26.66 -8.00 23.60
C ASP A 432 -26.60 -9.23 22.68
N LYS A 433 -25.46 -9.41 22.03
CA LYS A 433 -25.29 -10.52 21.10
C LYS A 433 -24.06 -11.35 21.44
N VAL A 434 -23.67 -11.39 22.72
CA VAL A 434 -22.47 -12.14 23.12
C VAL A 434 -22.63 -13.65 22.90
N ASP A 435 -23.86 -14.14 22.99
CA ASP A 435 -24.07 -15.57 22.92
C ASP A 435 -23.71 -15.99 21.49
N VAL A 436 -24.01 -15.11 20.54
CA VAL A 436 -23.73 -15.36 19.14
C VAL A 436 -22.24 -15.20 18.85
N LEU A 437 -21.62 -14.14 19.38
CA LEU A 437 -20.20 -13.94 19.21
C LEU A 437 -19.41 -15.07 19.85
N ASN A 438 -19.91 -15.63 20.95
CA ASN A 438 -19.16 -16.65 21.68
C ASN A 438 -19.08 -17.99 20.95
N GLN A 439 -19.91 -18.17 19.93
CA GLN A 439 -19.84 -19.36 19.10
C GLN A 439 -18.90 -19.18 17.90
N VAL A 440 -18.39 -17.96 17.69
CA VAL A 440 -17.38 -17.72 16.66
C VAL A 440 -16.10 -18.47 17.04
N ASP A 441 -15.53 -19.17 16.06
CA ASP A 441 -14.27 -19.87 16.25
C ASP A 441 -13.14 -18.82 16.20
N TRP A 442 -12.99 -18.05 17.27
CA TRP A 442 -12.04 -16.93 17.26
C TRP A 442 -10.61 -17.38 17.03
N ASN A 443 -10.20 -18.48 17.67
CA ASN A 443 -8.81 -18.87 17.56
C ASN A 443 -8.45 -19.31 16.14
N ALA A 444 -9.40 -19.90 15.43
CA ALA A 444 -9.17 -20.31 14.03
C ALA A 444 -9.13 -19.07 13.14
N TRP A 445 -10.14 -18.22 13.27
CA TRP A 445 -10.22 -17.03 12.44
C TRP A 445 -8.94 -16.20 12.58
N LEU A 446 -8.50 -15.99 13.83
CA LEU A 446 -7.39 -15.08 14.10
C LEU A 446 -6.01 -15.70 13.94
N TYR A 447 -5.86 -16.99 14.28
CA TYR A 447 -4.54 -17.59 14.46
C TYR A 447 -4.28 -18.86 13.66
N SER A 448 -5.30 -19.45 13.06
CA SER A 448 -5.07 -20.62 12.23
C SER A 448 -4.72 -20.24 10.81
N PRO A 449 -3.80 -20.98 10.19
CA PRO A 449 -3.49 -20.81 8.77
C PRO A 449 -4.60 -21.37 7.88
N GLY A 450 -4.52 -21.07 6.58
CA GLY A 450 -5.47 -21.61 5.60
C GLY A 450 -6.70 -20.75 5.36
N LEU A 451 -7.69 -21.33 4.68
CA LEU A 451 -8.97 -20.68 4.48
C LEU A 451 -9.69 -20.57 5.82
N PRO A 452 -10.52 -19.53 5.97
CA PRO A 452 -11.19 -19.40 7.26
C PRO A 452 -12.20 -20.53 7.54
N PRO A 453 -12.61 -20.71 8.81
CA PRO A 453 -13.47 -21.86 9.14
C PRO A 453 -14.88 -21.80 8.56
N ILE A 454 -15.34 -20.60 8.21
CA ILE A 454 -16.68 -20.43 7.62
C ILE A 454 -16.58 -19.48 6.45
N LYS A 455 -17.25 -19.83 5.35
CA LYS A 455 -17.33 -18.91 4.23
C LYS A 455 -18.62 -18.10 4.32
N PRO A 456 -18.57 -16.76 4.13
CA PRO A 456 -19.81 -15.95 4.12
C PRO A 456 -20.80 -16.32 3.01
N ASN A 457 -21.98 -15.71 3.06
CA ASN A 457 -22.99 -15.85 2.02
C ASN A 457 -22.85 -14.75 0.99
N TYR A 458 -22.71 -15.13 -0.27
CA TYR A 458 -22.56 -14.16 -1.34
C TYR A 458 -23.71 -14.26 -2.37
N ASP A 459 -24.32 -13.12 -2.67
CA ASP A 459 -25.13 -12.96 -3.85
C ASP A 459 -24.30 -13.30 -5.08
N MET A 460 -24.91 -14.03 -6.01
CA MET A 460 -24.24 -14.56 -7.20
C MET A 460 -24.61 -13.86 -8.50
N THR A 461 -25.54 -12.91 -8.42
CA THR A 461 -26.20 -12.33 -9.60
C THR A 461 -25.24 -11.84 -10.70
N LEU A 462 -24.27 -10.99 -10.36
CA LEU A 462 -23.33 -10.49 -11.36
C LEU A 462 -22.18 -11.48 -11.64
N THR A 463 -22.04 -12.50 -10.80
CA THR A 463 -20.97 -13.49 -10.94
C THR A 463 -21.34 -14.63 -11.91
N ASN A 464 -22.62 -15.01 -11.93
CA ASN A 464 -23.09 -16.15 -12.73
C ASN A 464 -22.63 -16.15 -14.17
N ALA A 465 -22.75 -15.03 -14.88
CA ALA A 465 -22.36 -14.98 -16.29
C ALA A 465 -20.84 -15.18 -16.46
N CYS A 466 -20.07 -14.76 -15.47
CA CYS A 466 -18.61 -14.87 -15.53
C CYS A 466 -18.19 -16.33 -15.39
N ILE A 467 -18.77 -17.01 -14.41
CA ILE A 467 -18.54 -18.45 -14.25
C ILE A 467 -19.04 -19.25 -15.45
N ALA A 468 -20.22 -18.91 -15.95
CA ALA A 468 -20.81 -19.66 -17.07
C ALA A 468 -19.90 -19.60 -18.30
N LEU A 469 -19.37 -18.41 -18.61
CA LEU A 469 -18.51 -18.29 -19.78
C LEU A 469 -17.19 -19.02 -19.53
N SER A 470 -16.64 -18.87 -18.33
CA SER A 470 -15.40 -19.56 -17.98
C SER A 470 -15.58 -21.08 -18.12
N GLN A 471 -16.71 -21.57 -17.65
CA GLN A 471 -16.99 -23.00 -17.68
C GLN A 471 -17.18 -23.51 -19.09
N ARG A 472 -17.77 -22.69 -19.97
CA ARG A 472 -17.90 -23.05 -21.39
C ARG A 472 -16.53 -23.31 -21.98
N TRP A 473 -15.60 -22.41 -21.69
CA TRP A 473 -14.23 -22.56 -22.20
C TRP A 473 -13.51 -23.76 -21.58
N ILE A 474 -13.66 -23.93 -20.27
CA ILE A 474 -12.94 -25.01 -19.61
C ILE A 474 -13.43 -26.38 -20.12
N THR A 475 -14.73 -26.51 -20.34
CA THR A 475 -15.36 -27.80 -20.73
C THR A 475 -15.34 -28.02 -22.24
N ALA A 476 -15.07 -26.96 -23.00
CA ALA A 476 -14.93 -27.06 -24.44
C ALA A 476 -13.83 -28.02 -24.86
N LYS A 477 -14.12 -28.78 -25.91
CA LYS A 477 -13.11 -29.55 -26.60
C LYS A 477 -12.79 -28.83 -27.88
N GLU A 478 -11.81 -29.33 -28.62
CA GLU A 478 -11.40 -28.74 -29.88
C GLU A 478 -12.61 -28.44 -30.79
N ASP A 479 -13.55 -29.39 -30.89
CA ASP A 479 -14.65 -29.21 -31.87
C ASP A 479 -15.72 -28.24 -31.38
N ASP A 480 -15.52 -27.66 -30.21
CA ASP A 480 -16.40 -26.61 -29.68
C ASP A 480 -15.85 -25.21 -29.82
N LEU A 481 -14.57 -25.08 -30.14
CA LEU A 481 -13.92 -23.77 -30.17
C LEU A 481 -14.54 -22.83 -31.21
N ASN A 482 -15.09 -23.42 -32.27
CA ASN A 482 -15.69 -22.67 -33.35
C ASN A 482 -16.86 -21.82 -32.90
N SER A 483 -17.56 -22.27 -31.87
CA SER A 483 -18.76 -21.60 -31.43
C SER A 483 -18.47 -20.29 -30.67
N PHE A 484 -17.27 -20.12 -30.13
CA PHE A 484 -16.94 -18.86 -29.43
C PHE A 484 -16.82 -17.68 -30.39
N ASN A 485 -17.21 -16.49 -29.93
CA ASN A 485 -17.28 -15.33 -30.80
C ASN A 485 -17.27 -14.08 -29.93
N ALA A 486 -16.84 -12.95 -30.49
CA ALA A 486 -16.80 -11.69 -29.71
C ALA A 486 -18.17 -11.37 -29.10
N THR A 487 -19.25 -11.90 -29.68
CA THR A 487 -20.58 -11.64 -29.12
C THR A 487 -20.75 -12.20 -27.72
N ASP A 488 -19.92 -13.18 -27.36
CA ASP A 488 -19.93 -13.72 -26.02
C ASP A 488 -19.73 -12.63 -24.96
N LEU A 489 -19.00 -11.58 -25.28
CA LEU A 489 -18.62 -10.59 -24.28
C LEU A 489 -19.54 -9.37 -24.25
N LYS A 490 -20.54 -9.35 -25.13
CA LYS A 490 -21.24 -8.11 -25.42
C LYS A 490 -21.94 -7.51 -24.21
N ASP A 491 -22.41 -8.36 -23.29
CA ASP A 491 -23.06 -7.92 -22.07
C ASP A 491 -22.22 -8.04 -20.79
N LEU A 492 -20.92 -8.21 -20.94
CA LEU A 492 -20.04 -8.28 -19.76
C LEU A 492 -19.41 -6.90 -19.54
N SER A 493 -19.50 -6.38 -18.32
CA SER A 493 -18.76 -5.17 -17.96
C SER A 493 -17.27 -5.53 -17.88
N SER A 494 -16.40 -4.53 -17.86
CA SER A 494 -14.98 -4.78 -17.66
C SER A 494 -14.71 -5.56 -16.38
N HIS A 495 -15.46 -5.26 -15.33
CA HIS A 495 -15.38 -6.00 -14.07
C HIS A 495 -15.70 -7.49 -14.26
N GLN A 496 -16.73 -7.77 -15.05
CA GLN A 496 -17.14 -9.16 -15.31
C GLN A 496 -16.14 -9.86 -16.22
N LEU A 497 -15.60 -9.11 -17.18
CA LEU A 497 -14.55 -9.65 -18.03
C LEU A 497 -13.35 -10.08 -17.16
N ASN A 498 -12.95 -9.20 -16.26
CA ASN A 498 -11.83 -9.49 -15.35
C ASN A 498 -12.14 -10.75 -14.52
N GLU A 499 -13.37 -10.87 -14.04
CA GLU A 499 -13.73 -12.02 -13.23
C GLU A 499 -13.77 -13.33 -14.05
N PHE A 500 -14.27 -13.25 -15.28
CA PHE A 500 -14.18 -14.40 -16.20
C PHE A 500 -12.73 -14.87 -16.35
N LEU A 501 -11.82 -13.92 -16.53
CA LEU A 501 -10.42 -14.25 -16.64
C LEU A 501 -9.85 -14.80 -15.31
N ALA A 502 -10.28 -14.26 -14.17
CA ALA A 502 -9.82 -14.78 -12.89
C ALA A 502 -10.31 -16.22 -12.67
N GLN A 503 -11.58 -16.46 -12.97
CA GLN A 503 -12.17 -17.80 -12.86
C GLN A 503 -11.37 -18.81 -13.71
N THR A 504 -11.03 -18.40 -14.91
CA THR A 504 -10.36 -19.26 -15.88
C THR A 504 -8.89 -19.49 -15.49
N LEU A 505 -8.25 -18.44 -14.99
CA LEU A 505 -6.88 -18.54 -14.51
C LEU A 505 -6.74 -19.52 -13.33
N GLN A 506 -7.76 -19.58 -12.47
CA GLN A 506 -7.76 -20.55 -11.38
C GLN A 506 -7.67 -22.01 -11.88
N ARG A 507 -8.10 -22.25 -13.12
CA ARG A 507 -8.06 -23.59 -13.73
C ARG A 507 -6.92 -23.78 -14.72
N ALA A 508 -5.99 -22.85 -14.77
CA ALA A 508 -4.90 -22.90 -15.73
C ALA A 508 -3.92 -24.03 -15.34
N PRO A 509 -3.26 -24.64 -16.32
CA PRO A 509 -3.31 -24.31 -17.74
C PRO A 509 -4.57 -24.78 -18.43
N LEU A 510 -4.90 -24.07 -19.49
CA LEU A 510 -5.83 -24.57 -20.50
C LEU A 510 -5.03 -25.07 -21.69
N PRO A 511 -5.67 -25.85 -22.57
CA PRO A 511 -4.94 -26.28 -23.78
C PRO A 511 -4.48 -25.09 -24.60
N LEU A 512 -3.34 -25.22 -25.25
CA LEU A 512 -2.80 -24.14 -26.07
C LEU A 512 -3.79 -23.70 -27.16
N GLY A 513 -4.47 -24.64 -27.80
CA GLY A 513 -5.42 -24.28 -28.84
C GLY A 513 -6.59 -23.43 -28.33
N HIS A 514 -6.97 -23.66 -27.07
CA HIS A 514 -8.01 -22.84 -26.42
C HIS A 514 -7.56 -21.39 -26.26
N ILE A 515 -6.35 -21.20 -25.74
CA ILE A 515 -5.84 -19.84 -25.54
C ILE A 515 -5.65 -19.09 -26.88
N LYS A 516 -5.10 -19.76 -27.88
CA LYS A 516 -5.03 -19.19 -29.23
C LYS A 516 -6.39 -18.77 -29.75
N ARG A 517 -7.41 -19.61 -29.58
CA ARG A 517 -8.74 -19.26 -30.03
C ARG A 517 -9.29 -18.05 -29.26
N MET A 518 -9.05 -18.02 -27.96
CA MET A 518 -9.46 -16.85 -27.18
C MET A 518 -8.97 -15.54 -27.76
N GLN A 519 -7.68 -15.49 -28.10
CA GLN A 519 -7.10 -14.28 -28.70
C GLN A 519 -7.77 -14.01 -30.05
N GLU A 520 -7.94 -15.08 -30.82
CA GLU A 520 -8.51 -14.98 -32.17
C GLU A 520 -9.90 -14.36 -32.15
N VAL A 521 -10.73 -14.71 -31.16
CA VAL A 521 -12.11 -14.24 -31.15
C VAL A 521 -12.38 -13.02 -30.27
N TYR A 522 -11.60 -12.86 -29.21
CA TYR A 522 -11.86 -11.79 -28.25
C TYR A 522 -10.85 -10.63 -28.37
N ASN A 523 -9.73 -10.90 -29.02
CA ASN A 523 -8.61 -9.92 -29.09
C ASN A 523 -8.24 -9.31 -27.72
N PHE A 524 -8.00 -10.17 -26.73
CA PHE A 524 -7.54 -9.73 -25.41
C PHE A 524 -6.19 -9.03 -25.43
N ASN A 525 -5.34 -9.30 -26.41
CA ASN A 525 -4.05 -8.61 -26.50
C ASN A 525 -4.24 -7.11 -26.66
N ALA A 526 -5.38 -6.68 -27.14
CA ALA A 526 -5.61 -5.27 -27.38
C ALA A 526 -6.14 -4.51 -26.14
N ILE A 527 -6.50 -5.20 -25.07
CA ILE A 527 -7.04 -4.53 -23.90
C ILE A 527 -5.92 -3.88 -23.07
N ASN A 528 -6.05 -2.60 -22.73
CA ASN A 528 -5.00 -1.91 -21.95
C ASN A 528 -5.27 -1.95 -20.43
N ASN A 529 -6.49 -2.31 -20.04
CA ASN A 529 -6.84 -2.44 -18.62
C ASN A 529 -5.82 -3.36 -17.93
N SER A 530 -5.06 -2.81 -16.98
CA SER A 530 -3.94 -3.53 -16.39
C SER A 530 -4.35 -4.82 -15.64
N GLU A 531 -5.48 -4.81 -14.91
CA GLU A 531 -5.94 -6.01 -14.21
C GLU A 531 -6.33 -7.15 -15.19
N ILE A 532 -7.07 -6.79 -16.24
CA ILE A 532 -7.41 -7.73 -17.30
C ILE A 532 -6.19 -8.24 -18.02
N ARG A 533 -5.30 -7.34 -18.44
CA ARG A 533 -4.12 -7.76 -19.21
C ARG A 533 -3.23 -8.67 -18.36
N PHE A 534 -3.01 -8.29 -17.10
CA PHE A 534 -2.30 -9.12 -16.15
C PHE A 534 -2.83 -10.58 -16.13
N ARG A 535 -4.12 -10.76 -15.94
CA ARG A 535 -4.66 -12.14 -15.80
C ARG A 535 -4.62 -12.90 -17.13
N TRP A 536 -4.90 -12.15 -18.20
CA TRP A 536 -4.80 -12.67 -19.56
C TRP A 536 -3.39 -13.15 -19.86
N LEU A 537 -2.37 -12.34 -19.55
CA LEU A 537 -1.00 -12.74 -19.81
C LEU A 537 -0.54 -13.90 -18.91
N ARG A 538 -0.94 -13.92 -17.65
CA ARG A 538 -0.65 -15.08 -16.83
C ARG A 538 -1.28 -16.35 -17.42
N LEU A 539 -2.53 -16.24 -17.86
CA LEU A 539 -3.21 -17.38 -18.44
C LEU A 539 -2.46 -17.90 -19.67
N CYS A 540 -2.00 -16.99 -20.52
CA CYS A 540 -1.25 -17.37 -21.73
C CYS A 540 0.08 -18.04 -21.40
N ILE A 541 0.81 -17.50 -20.42
CA ILE A 541 2.11 -18.04 -20.08
C ILE A 541 1.99 -19.41 -19.38
N GLN A 542 1.08 -19.50 -18.43
CA GLN A 542 0.86 -20.77 -17.75
C GLN A 542 0.32 -21.85 -18.69
N SER A 543 -0.35 -21.42 -19.77
CA SER A 543 -0.83 -22.35 -20.78
C SER A 543 0.22 -22.57 -21.87
N LYS A 544 1.39 -21.98 -21.68
CA LYS A 544 2.59 -22.26 -22.50
C LYS A 544 2.48 -21.72 -23.92
N TRP A 545 1.91 -20.53 -24.07
CA TRP A 545 1.87 -19.87 -25.36
C TRP A 545 3.11 -18.98 -25.53
N GLU A 546 4.05 -19.42 -26.37
CA GLU A 546 5.32 -18.70 -26.54
C GLU A 546 5.12 -17.25 -27.04
N ASP A 547 4.10 -17.04 -27.87
CA ASP A 547 3.81 -15.70 -28.42
C ASP A 547 3.61 -14.66 -27.30
N ALA A 548 3.19 -15.11 -26.13
CA ALA A 548 2.89 -14.19 -25.03
C ALA A 548 4.14 -13.80 -24.28
N ILE A 549 5.25 -14.49 -24.51
CA ILE A 549 6.46 -14.24 -23.72
C ILE A 549 6.90 -12.77 -23.81
N PRO A 550 7.01 -12.22 -25.03
CA PRO A 550 7.44 -10.81 -25.10
C PRO A 550 6.43 -9.85 -24.47
N LEU A 551 5.14 -10.13 -24.61
CA LEU A 551 4.10 -9.31 -23.99
C LEU A 551 4.20 -9.33 -22.46
N ALA A 552 4.44 -10.50 -21.88
CA ALA A 552 4.58 -10.60 -20.41
C ALA A 552 5.87 -9.94 -19.90
N LEU A 553 6.97 -10.14 -20.60
CA LEU A 553 8.22 -9.49 -20.25
C LEU A 553 8.06 -7.97 -20.28
N LYS A 554 7.32 -7.48 -21.26
CA LYS A 554 7.12 -6.06 -21.43
C LYS A 554 6.25 -5.49 -20.30
N MET A 555 5.15 -6.15 -19.99
CA MET A 555 4.33 -5.68 -18.89
C MET A 555 5.09 -5.74 -17.55
N ALA A 556 5.85 -6.81 -17.35
CA ALA A 556 6.60 -6.97 -16.11
C ALA A 556 7.61 -5.87 -15.86
N THR A 557 8.18 -5.33 -16.94
CA THR A 557 9.26 -4.35 -16.81
C THR A 557 8.85 -2.89 -17.09
N GLU A 558 7.82 -2.69 -17.90
CA GLU A 558 7.45 -1.34 -18.30
C GLU A 558 6.62 -0.65 -17.21
N GLN A 559 6.14 -1.42 -16.24
CA GLN A 559 5.58 -0.90 -14.99
C GLN A 559 6.17 -1.78 -13.87
N GLY A 560 5.98 -1.39 -12.62
CA GLY A 560 6.63 -2.05 -11.50
C GLY A 560 5.75 -2.30 -10.30
N ARG A 561 4.43 -2.27 -10.51
CA ARG A 561 3.49 -2.59 -9.44
C ARG A 561 3.67 -4.07 -9.09
N MET A 562 4.03 -4.39 -7.85
CA MET A 562 4.45 -5.76 -7.53
C MET A 562 3.36 -6.79 -7.71
N LYS A 563 2.11 -6.37 -7.53
CA LYS A 563 0.96 -7.23 -7.80
C LYS A 563 1.03 -7.87 -9.17
N PHE A 564 1.55 -7.13 -10.15
CA PHE A 564 1.70 -7.58 -11.52
C PHE A 564 3.12 -8.07 -11.80
N THR A 565 4.11 -7.26 -11.45
CA THR A 565 5.50 -7.56 -11.78
C THR A 565 5.99 -8.88 -11.18
N ARG A 566 5.71 -9.11 -9.89
CA ARG A 566 6.21 -10.32 -9.24
C ARG A 566 5.66 -11.64 -9.87
N PRO A 567 4.32 -11.81 -9.98
CA PRO A 567 3.74 -13.02 -10.57
C PRO A 567 4.10 -13.22 -12.05
N LEU A 568 4.23 -12.13 -12.81
CA LEU A 568 4.61 -12.26 -14.22
C LEU A 568 6.02 -12.81 -14.31
N PHE A 569 6.95 -12.27 -13.52
CA PHE A 569 8.33 -12.78 -13.49
C PHE A 569 8.36 -14.25 -13.01
N LYS A 570 7.54 -14.59 -12.04
CA LYS A 570 7.50 -15.96 -11.53
C LYS A 570 6.93 -16.96 -12.55
N ASP A 571 5.84 -16.57 -13.22
CA ASP A 571 5.28 -17.38 -14.32
C ASP A 571 6.29 -17.51 -15.44
N LEU A 572 6.95 -16.42 -15.80
CA LEU A 572 7.96 -16.48 -16.86
C LEU A 572 9.15 -17.38 -16.45
N ALA A 573 9.53 -17.35 -15.19
CA ALA A 573 10.63 -18.19 -14.70
C ALA A 573 10.26 -19.68 -14.66
N ALA A 574 8.98 -19.96 -14.44
CA ALA A 574 8.51 -21.33 -14.34
C ALA A 574 8.36 -21.98 -15.72
N PHE A 575 8.11 -21.16 -16.75
CA PHE A 575 7.95 -21.64 -18.13
C PHE A 575 9.33 -21.88 -18.73
N ASP A 576 9.62 -23.13 -19.09
CA ASP A 576 10.97 -23.47 -19.58
C ASP A 576 11.38 -22.61 -20.79
N LYS A 577 10.45 -22.30 -21.65
CA LYS A 577 10.75 -21.52 -22.85
C LYS A 577 11.14 -20.06 -22.57
N SER A 578 10.68 -19.51 -21.45
CA SER A 578 10.96 -18.12 -21.13
C SER A 578 11.93 -17.95 -19.96
N HIS A 579 12.31 -19.03 -19.28
CA HIS A 579 13.06 -18.92 -18.01
C HIS A 579 14.34 -18.06 -18.11
N ASP A 580 15.17 -18.36 -19.10
CA ASP A 580 16.45 -17.69 -19.21
C ASP A 580 16.25 -16.26 -19.58
N GLN A 581 15.22 -15.98 -20.38
CA GLN A 581 14.87 -14.62 -20.76
C GLN A 581 14.44 -13.84 -19.53
N ALA A 582 13.66 -14.50 -18.67
CA ALA A 582 13.12 -13.83 -17.48
C ALA A 582 14.26 -13.40 -16.56
N VAL A 583 15.21 -14.30 -16.37
CA VAL A 583 16.33 -14.02 -15.48
C VAL A 583 17.22 -12.90 -16.06
N ARG A 584 17.57 -13.02 -17.33
CA ARG A 584 18.40 -11.99 -17.96
C ARG A 584 17.75 -10.62 -17.98
N THR A 585 16.45 -10.59 -18.23
CA THR A 585 15.74 -9.32 -18.26
C THR A 585 15.77 -8.67 -16.87
N TYR A 586 15.49 -9.47 -15.86
CA TYR A 586 15.63 -8.98 -14.49
C TYR A 586 17.03 -8.41 -14.26
N GLN A 587 18.06 -9.17 -14.66
CA GLN A 587 19.45 -8.75 -14.38
C GLN A 587 19.75 -7.43 -15.08
N GLU A 588 19.22 -7.25 -16.28
CA GLU A 588 19.40 -6.01 -17.03
C GLU A 588 18.66 -4.80 -16.43
N HIS A 589 17.55 -5.05 -15.73
CA HIS A 589 16.70 -3.97 -15.20
C HIS A 589 16.92 -3.68 -13.71
N LYS A 590 17.63 -4.58 -13.05
CA LYS A 590 17.79 -4.63 -11.60
C LYS A 590 18.26 -3.29 -11.04
N ALA A 591 19.29 -2.72 -11.63
CA ALA A 591 19.89 -1.50 -11.11
C ALA A 591 18.94 -0.29 -11.19
N SER A 592 17.95 -0.37 -12.08
CA SER A 592 17.06 0.77 -12.35
C SER A 592 15.67 0.59 -11.72
N MET A 593 15.51 -0.51 -10.98
CA MET A 593 14.24 -0.86 -10.32
C MET A 593 14.12 -0.20 -8.95
N HIS A 594 12.89 -0.15 -8.46
CA HIS A 594 12.66 0.19 -7.07
C HIS A 594 13.44 -0.77 -6.16
N PRO A 595 14.10 -0.25 -5.14
CA PRO A 595 14.94 -1.14 -4.31
C PRO A 595 14.20 -2.32 -3.68
N VAL A 596 12.96 -2.11 -3.23
CA VAL A 596 12.23 -3.19 -2.60
C VAL A 596 11.82 -4.20 -3.66
N THR A 597 11.29 -3.71 -4.78
CA THR A 597 10.86 -4.60 -5.86
C THR A 597 12.06 -5.39 -6.40
N ALA A 598 13.21 -4.73 -6.55
CA ALA A 598 14.42 -5.43 -7.01
C ALA A 598 14.78 -6.56 -6.05
N MET A 599 14.74 -6.28 -4.75
CA MET A 599 15.06 -7.31 -3.75
C MET A 599 14.08 -8.48 -3.85
N LEU A 600 12.78 -8.18 -3.96
CA LEU A 600 11.80 -9.26 -3.91
C LEU A 600 11.76 -10.14 -5.16
N VAL A 601 11.87 -9.52 -6.35
CA VAL A 601 11.88 -10.28 -7.58
C VAL A 601 13.16 -11.11 -7.64
N GLY A 602 14.25 -10.56 -7.12
CA GLY A 602 15.51 -11.28 -7.07
C GLY A 602 15.43 -12.51 -6.20
N LYS A 603 14.79 -12.38 -5.05
CA LYS A 603 14.53 -13.57 -4.22
C LYS A 603 13.58 -14.55 -4.88
N ASP A 604 12.50 -14.03 -5.48
CA ASP A 604 11.55 -14.86 -6.22
C ASP A 604 12.24 -15.71 -7.29
N LEU A 605 13.19 -15.09 -7.99
CA LEU A 605 13.87 -15.74 -9.10
C LEU A 605 15.10 -16.56 -8.70
N LYS A 606 15.53 -16.46 -7.44
CA LYS A 606 16.73 -17.15 -6.95
C LYS A 606 17.97 -16.75 -7.76
N VAL A 607 18.09 -15.46 -8.09
CA VAL A 607 19.12 -14.99 -9.03
C VAL A 607 20.55 -15.02 -8.48
N ASP A 608 20.69 -14.77 -7.19
CA ASP A 608 22.03 -14.77 -6.57
C ASP A 608 22.45 -16.18 -6.17
C DP8 B . 0.81 -1.69 1.09
N DP8 B . 1.73 -0.63 1.29
O DP8 B . 3.14 -1.98 3.11
C01 DP8 B . 1.87 -8.98 6.03
O01 DP8 B . 3.71 -5.92 7.04
C02 DP8 B . 1.14 -9.21 7.19
C03 DP8 B . 1.26 -8.35 8.27
C04 DP8 B . 2.11 -7.25 8.21
C05 DP8 B . 2.83 -7.01 7.06
C06 DP8 B . 2.72 -7.87 5.97
C07 DP8 B . 3.56 -4.94 6.01
C08 DP8 B . 2.52 -4.05 6.09
C09 DP8 B . 2.40 -3.08 5.14
C10 DP8 B . 3.32 -3.01 4.09
C11 DP8 B . 4.37 -3.91 4.02
C12 DP8 B . 4.50 -4.87 4.99
C13 DP8 B . 3.55 -2.23 1.78
C14 DP8 B . 3.09 -1.04 0.98
C15 DP8 B . 1.36 0.46 0.41
ZN ZN C . -4.80 -0.69 2.33
YB YB D . -17.60 -32.86 -28.96
YB YB E . 19.63 4.76 -21.16
YB YB F . -9.25 -8.11 26.14
YB YB G . 12.74 11.76 39.18
N1 IMD H . -11.68 -13.73 -8.53
C2 IMD H . -10.42 -13.75 -8.06
N3 IMD H . -10.04 -15.04 -8.00
C4 IMD H . -11.07 -15.82 -8.38
C5 IMD H . -12.08 -14.99 -8.72
N1 IMD I . -11.74 -4.25 -12.64
C2 IMD I . -12.63 -3.57 -13.42
N3 IMD I . -12.32 -3.75 -14.72
C4 IMD I . -11.23 -4.54 -14.76
C5 IMD I . -10.87 -4.83 -13.47
#